data_5MS3
#
_entry.id   5MS3
#
_cell.length_a   45.997
_cell.length_b   51.741
_cell.length_c   82.863
_cell.angle_alpha   90.000
_cell.angle_beta   90.000
_cell.angle_gamma   90.000
#
_symmetry.space_group_name_H-M   'P 21 21 21'
#
loop_
_entity.id
_entity.type
_entity.pdbx_description
1 polymer Kallikrein-8
2 non-polymer 'CALCIUM ION'
3 water water
#
_entity_poly.entity_id   1
_entity_poly.type   'polypeptide(L)'
_entity_poly.pdbx_seq_one_letter_code
;VLGGHECQPHSQPWQAALFQGQQLLCGGVLVGGNWVLTAAHCKKPKYTVRLGDHSLQNKDGPEQEIPVVQSIPHPCYNSS
DVEDHNHDLMLLQLRDQASLGSKVKPISLADHCTQPGQKCTVSGWGTVTSPRENFPDTLNCAEVKIFPQKKCEDAYPGQI
TDGMVCAGSSKGADTCQGDSGGPLVCDGALQGITSWGSDPCGRSDKPGVYTNICRYLDWIKKIIGSKG
;
_entity_poly.pdbx_strand_id   A
#
# COMPACT_ATOMS: atom_id res chain seq x y z
N VAL A 1 3.75 -10.56 0.25
CA VAL A 1 2.54 -10.94 1.00
C VAL A 1 2.67 -12.36 1.51
N LEU A 2 2.90 -12.50 2.81
CA LEU A 2 2.99 -13.81 3.44
C LEU A 2 1.60 -14.38 3.71
N GLY A 3 1.53 -15.71 3.76
CA GLY A 3 0.34 -16.42 4.20
C GLY A 3 -0.89 -16.15 3.36
N GLY A 4 -0.68 -15.60 2.18
CA GLY A 4 -1.75 -15.28 1.25
C GLY A 4 -1.83 -16.26 0.09
N HIS A 5 -2.28 -15.75 -1.05
CA HIS A 5 -2.43 -16.54 -2.25
C HIS A 5 -2.40 -15.59 -3.44
N GLU A 6 -2.18 -16.16 -4.63
CA GLU A 6 -2.22 -15.36 -5.84
C GLU A 6 -3.62 -14.79 -6.03
N CYS A 7 -3.72 -13.46 -6.13
CA CYS A 7 -5.00 -12.82 -6.35
C CYS A 7 -5.62 -13.28 -7.66
N GLN A 8 -6.94 -13.29 -7.70
CA GLN A 8 -7.63 -13.39 -8.97
C GLN A 8 -7.19 -12.22 -9.84
N PRO A 9 -6.78 -12.47 -11.08
CA PRO A 9 -6.18 -11.40 -11.89
C PRO A 9 -7.12 -10.20 -12.03
N HIS A 10 -6.57 -9.02 -11.74
CA HIS A 10 -7.29 -7.75 -11.85
C HIS A 10 -8.50 -7.69 -10.92
N SER A 11 -8.49 -8.46 -9.84
CA SER A 11 -9.53 -8.34 -8.81
C SER A 11 -9.26 -7.18 -7.86
N GLN A 12 -8.05 -6.62 -7.91
CA GLN A 12 -7.70 -5.39 -7.21
C GLN A 12 -7.35 -4.36 -8.27
N PRO A 13 -8.34 -3.83 -9.00
CA PRO A 13 -8.03 -2.92 -10.12
C PRO A 13 -7.34 -1.65 -9.70
N TRP A 14 -7.33 -1.32 -8.40
CA TRP A 14 -6.66 -0.13 -7.90
C TRP A 14 -5.18 -0.35 -7.65
N GLN A 15 -4.73 -1.60 -7.58
CA GLN A 15 -3.33 -1.89 -7.28
C GLN A 15 -2.42 -1.21 -8.29
N ALA A 16 -1.36 -0.59 -7.79
CA ALA A 16 -0.34 0.03 -8.64
C ALA A 16 1.02 -0.51 -8.22
N ALA A 17 2.05 -0.11 -8.97
CA ALA A 17 3.40 -0.52 -8.67
C ALA A 17 4.37 0.56 -9.15
N LEU A 18 5.41 0.80 -8.37
CA LEU A 18 6.43 1.79 -8.71
C LEU A 18 7.62 1.07 -9.30
N PHE A 19 7.92 1.35 -10.58
CA PHE A 19 9.05 0.77 -11.28
C PHE A 19 10.07 1.85 -11.59
N GLN A 20 11.36 1.50 -11.44
CA GLN A 20 12.43 2.22 -12.09
C GLN A 20 13.05 1.24 -13.08
N GLY A 21 12.79 1.47 -14.36
CA GLY A 21 13.07 0.42 -15.33
C GLY A 21 12.24 -0.81 -15.02
N GLN A 22 12.87 -1.96 -15.11
CA GLN A 22 12.23 -3.23 -14.78
C GLN A 22 12.38 -3.60 -13.31
N GLN A 23 12.94 -2.70 -12.50
CA GLN A 23 13.14 -2.95 -11.08
C GLN A 23 11.92 -2.47 -10.31
N LEU A 24 11.21 -3.41 -9.68
CA LEU A 24 10.04 -3.05 -8.89
C LEU A 24 10.49 -2.42 -7.58
N LEU A 25 9.94 -1.23 -7.30
CA LEU A 25 10.31 -0.50 -6.08
C LEU A 25 9.30 -0.71 -4.98
N CYS A 26 8.08 -0.22 -5.18
CA CYS A 26 7.05 -0.25 -4.17
C CYS A 26 5.70 -0.57 -4.79
N GLY A 27 4.73 -0.82 -3.92
CA GLY A 27 3.35 -0.87 -4.33
C GLY A 27 2.76 0.53 -4.40
N GLY A 28 1.50 0.57 -4.81
CA GLY A 28 0.79 1.84 -4.89
C GLY A 28 -0.69 1.58 -5.05
N VAL A 29 -1.47 2.64 -4.84
CA VAL A 29 -2.93 2.55 -4.94
C VAL A 29 -3.42 3.69 -5.79
N LEU A 30 -4.35 3.41 -6.70
CA LEU A 30 -4.92 4.42 -7.56
C LEU A 30 -6.12 5.01 -6.84
N VAL A 31 -5.98 6.23 -6.35
CA VAL A 31 -7.07 6.93 -5.66
C VAL A 31 -7.74 7.97 -6.52
N GLY A 32 -7.22 8.21 -7.72
CA GLY A 32 -7.79 9.18 -8.63
C GLY A 32 -7.33 8.82 -10.03
N GLY A 33 -7.92 9.51 -11.01
CA GLY A 33 -7.62 9.24 -12.40
C GLY A 33 -6.14 9.33 -12.71
N ASN A 34 -5.53 10.48 -12.41
CA ASN A 34 -4.10 10.67 -12.54
C ASN A 34 -3.33 10.57 -11.21
N TRP A 35 -3.98 10.17 -10.13
CA TRP A 35 -3.36 10.20 -8.80
C TRP A 35 -3.12 8.80 -8.25
N VAL A 36 -1.90 8.55 -7.77
CA VAL A 36 -1.52 7.29 -7.14
C VAL A 36 -1.02 7.58 -5.72
N LEU A 37 -1.55 6.86 -4.75
CA LEU A 37 -1.16 7.00 -3.35
C LEU A 37 -0.22 5.87 -2.95
N THR A 38 0.85 6.21 -2.25
CA THR A 38 1.87 5.23 -1.87
C THR A 38 2.52 5.68 -0.56
N ALA A 39 3.61 5.01 -0.19
CA ALA A 39 4.36 5.36 1.01
C ALA A 39 5.42 6.41 0.69
N ALA A 40 5.63 7.32 1.64
CA ALA A 40 6.59 8.40 1.45
C ALA A 40 8.03 7.88 1.35
N HIS A 41 8.34 6.76 2.02
CA HIS A 41 9.69 6.25 1.96
C HIS A 41 10.04 5.64 0.61
N CYS A 42 9.08 5.55 -0.30
CA CYS A 42 9.31 5.10 -1.66
C CYS A 42 9.72 6.22 -2.59
N LYS A 43 9.91 7.44 -2.08
CA LYS A 43 10.14 8.59 -2.94
C LYS A 43 11.44 8.44 -3.71
N LYS A 44 11.38 8.74 -5.00
CA LYS A 44 12.50 8.70 -5.92
C LYS A 44 12.35 9.86 -6.90
N PRO A 45 13.44 10.33 -7.49
CA PRO A 45 13.30 11.47 -8.41
C PRO A 45 12.46 11.13 -9.62
N LYS A 46 12.72 9.98 -10.24
CA LYS A 46 12.02 9.54 -11.42
C LYS A 46 11.65 8.08 -11.28
N TYR A 47 10.41 7.75 -11.65
CA TYR A 47 9.93 6.39 -11.68
C TYR A 47 8.67 6.36 -12.54
N THR A 48 8.13 5.16 -12.74
CA THR A 48 6.93 4.98 -13.53
C THR A 48 5.96 4.11 -12.75
N VAL A 49 4.70 4.51 -12.73
CA VAL A 49 3.64 3.73 -12.12
C VAL A 49 3.06 2.80 -13.18
N ARG A 50 2.91 1.52 -12.81
CA ARG A 50 2.28 0.53 -13.66
C ARG A 50 0.92 0.15 -13.07
N LEU A 51 -0.08 0.07 -13.93
CA LEU A 51 -1.44 -0.23 -13.53
C LEU A 51 -1.95 -1.40 -14.37
N GLY A 52 -3.05 -1.99 -13.90
CA GLY A 52 -3.66 -3.10 -14.62
C GLY A 52 -2.76 -4.29 -14.82
N ASP A 53 -1.90 -4.58 -13.86
CA ASP A 53 -0.90 -5.63 -14.00
C ASP A 53 -1.23 -6.80 -13.09
N HIS A 54 -0.80 -7.99 -13.49
CA HIS A 54 -0.86 -9.16 -12.62
C HIS A 54 0.49 -9.86 -12.59
N SER A 55 0.89 -10.40 -13.74
CA SER A 55 2.21 -11.01 -13.89
C SER A 55 3.23 -9.93 -14.26
N LEU A 56 4.32 -9.86 -13.50
CA LEU A 56 5.35 -8.87 -13.79
C LEU A 56 5.98 -9.12 -15.15
N GLN A 57 6.33 -10.38 -15.43
CA GLN A 57 7.03 -10.73 -16.66
C GLN A 57 6.11 -10.85 -17.85
N ASN A 58 4.92 -11.41 -17.65
CA ASN A 58 4.04 -11.80 -18.73
C ASN A 58 3.05 -10.70 -19.04
N LYS A 59 2.70 -10.59 -20.31
CA LYS A 59 1.77 -9.55 -20.71
C LYS A 59 0.35 -10.00 -20.37
N ASP A 60 -0.29 -9.29 -19.46
CA ASP A 60 -1.67 -9.57 -19.11
C ASP A 60 -2.64 -8.88 -20.04
N GLY A 61 -2.26 -7.70 -20.55
CA GLY A 61 -3.02 -6.93 -21.51
C GLY A 61 -3.71 -5.66 -21.03
N PRO A 62 -4.08 -5.57 -19.74
CA PRO A 62 -4.49 -4.25 -19.19
C PRO A 62 -3.36 -3.26 -18.94
N GLU A 63 -2.09 -3.69 -18.89
CA GLU A 63 -1.01 -2.88 -18.33
C GLU A 63 -0.95 -1.48 -18.94
N GLN A 64 -0.75 -0.50 -18.08
CA GLN A 64 -0.54 0.89 -18.49
C GLN A 64 0.66 1.45 -17.77
N GLU A 65 1.67 1.87 -18.52
CA GLU A 65 2.93 2.37 -17.97
C GLU A 65 2.92 3.89 -18.11
N ILE A 66 2.68 4.59 -17.01
CA ILE A 66 2.48 6.04 -16.98
C ILE A 66 3.53 6.68 -16.08
N PRO A 67 4.35 7.60 -16.57
CA PRO A 67 5.31 8.28 -15.70
C PRO A 67 4.63 9.24 -14.74
N VAL A 68 5.30 9.52 -13.63
CA VAL A 68 4.80 10.45 -12.64
C VAL A 68 5.53 11.79 -12.83
N VAL A 69 4.74 12.87 -12.91
CA VAL A 69 5.31 14.20 -13.11
C VAL A 69 5.41 15.00 -11.81
N GLN A 70 4.87 14.49 -10.71
CA GLN A 70 5.00 15.16 -9.44
C GLN A 70 4.94 14.13 -8.32
N SER A 71 5.78 14.32 -7.31
CA SER A 71 5.77 13.49 -6.11
C SER A 71 5.51 14.40 -4.92
N ILE A 72 4.51 14.06 -4.12
CA ILE A 72 4.12 14.90 -2.99
C ILE A 72 4.11 14.08 -1.71
N PRO A 73 5.23 14.02 -0.99
CA PRO A 73 5.22 13.39 0.34
C PRO A 73 4.39 14.22 1.31
N HIS A 74 3.99 13.59 2.41
CA HIS A 74 3.33 14.34 3.45
C HIS A 74 4.32 15.35 4.06
N PRO A 75 3.90 16.59 4.28
CA PRO A 75 4.86 17.61 4.73
C PRO A 75 5.47 17.31 6.09
N CYS A 76 4.78 16.55 6.94
CA CYS A 76 5.29 16.18 8.25
C CYS A 76 5.99 14.83 8.24
N TYR A 77 6.11 14.18 7.07
CA TYR A 77 6.92 12.98 7.00
C TYR A 77 8.39 13.33 7.08
N ASN A 78 9.16 12.48 7.75
CA ASN A 78 10.57 12.73 8.03
C ASN A 78 11.40 11.56 7.53
N SER A 79 12.26 11.83 6.55
CA SER A 79 13.22 10.82 6.10
C SER A 79 14.47 10.78 6.94
N SER A 80 14.79 11.85 7.67
CA SER A 80 15.94 11.89 8.56
C SER A 80 15.83 10.80 9.61
N ASP A 81 14.85 10.94 10.49
CA ASP A 81 14.70 9.95 11.55
C ASP A 81 14.30 8.65 10.89
N VAL A 82 15.20 7.69 10.96
CA VAL A 82 14.87 6.34 10.55
C VAL A 82 14.19 5.69 11.75
N GLU A 83 13.20 4.85 11.49
CA GLU A 83 12.34 4.23 12.50
C GLU A 83 11.36 5.21 13.13
N ASP A 84 11.37 6.48 12.72
CA ASP A 84 10.19 7.33 12.88
C ASP A 84 9.51 7.30 11.53
N HIS A 85 8.45 6.50 11.44
CA HIS A 85 7.72 6.27 10.21
C HIS A 85 6.46 7.10 10.13
N ASN A 86 6.23 7.99 11.09
CA ASN A 86 4.98 8.74 11.17
C ASN A 86 4.71 9.49 9.87
N HIS A 87 3.43 9.56 9.50
CA HIS A 87 2.99 10.27 8.30
C HIS A 87 3.64 9.70 7.05
N ASP A 88 3.63 8.38 6.92
CA ASP A 88 4.29 7.76 5.76
C ASP A 88 3.21 7.71 4.68
N LEU A 89 3.25 8.72 3.81
CA LEU A 89 2.24 8.91 2.78
C LEU A 89 2.86 9.73 1.66
N MET A 90 2.51 9.39 0.43
CA MET A 90 2.91 10.22 -0.70
C MET A 90 1.89 10.05 -1.80
N LEU A 91 1.58 11.16 -2.47
CA LEU A 91 0.75 11.14 -3.65
C LEU A 91 1.62 11.35 -4.88
N LEU A 92 1.42 10.51 -5.88
CA LEU A 92 2.17 10.61 -7.14
C LEU A 92 1.20 11.04 -8.24
N GLN A 93 1.47 12.19 -8.85
CA GLN A 93 0.67 12.69 -9.94
C GLN A 93 1.19 12.09 -11.26
N LEU A 94 0.29 11.47 -12.01
CA LEU A 94 0.61 10.85 -13.29
C LEU A 94 0.49 11.85 -14.42
N ARG A 95 1.47 11.83 -15.33
CA ARG A 95 1.45 12.68 -16.51
C ARG A 95 0.16 12.49 -17.30
N ASP A 96 -0.28 11.25 -17.43
CA ASP A 96 -1.46 10.90 -18.22
C ASP A 96 -2.57 10.43 -17.29
N GLN A 97 -3.81 10.67 -17.72
CA GLN A 97 -4.97 10.11 -17.06
C GLN A 97 -5.07 8.63 -17.38
N ALA A 98 -5.32 7.83 -16.34
CA ALA A 98 -5.42 6.39 -16.53
C ALA A 98 -6.71 6.03 -17.25
N SER A 99 -6.63 5.01 -18.11
CA SER A 99 -7.81 4.46 -18.78
C SER A 99 -8.47 3.43 -17.86
N LEU A 100 -9.77 3.58 -17.64
CA LEU A 100 -10.43 2.94 -16.52
C LEU A 100 -11.48 1.94 -17.01
N GLY A 101 -11.84 1.03 -16.10
CA GLY A 101 -12.75 -0.06 -16.43
C GLY A 101 -12.80 -1.05 -15.30
N SER A 102 -13.15 -2.29 -15.64
CA SER A 102 -13.11 -3.37 -14.65
C SER A 102 -11.68 -3.72 -14.26
N LYS A 103 -10.72 -3.56 -15.18
CA LYS A 103 -9.34 -3.97 -14.90
C LYS A 103 -8.56 -2.90 -14.15
N VAL A 104 -8.82 -1.63 -14.45
CA VAL A 104 -8.17 -0.50 -13.79
C VAL A 104 -9.25 0.44 -13.30
N LYS A 105 -9.14 0.91 -12.06
CA LYS A 105 -10.13 1.85 -11.53
C LYS A 105 -9.71 2.34 -10.15
N PRO A 106 -9.95 3.61 -9.85
CA PRO A 106 -9.58 4.13 -8.53
C PRO A 106 -10.48 3.54 -7.45
N ILE A 107 -9.95 3.49 -6.24
CA ILE A 107 -10.67 2.99 -5.08
C ILE A 107 -11.09 4.18 -4.23
N SER A 108 -12.28 4.10 -3.65
CA SER A 108 -12.75 5.14 -2.76
C SER A 108 -11.92 5.17 -1.48
N LEU A 109 -11.59 6.38 -1.03
CA LEU A 109 -10.99 6.53 0.28
C LEU A 109 -12.01 6.19 1.36
N ALA A 110 -11.56 5.47 2.38
CA ALA A 110 -12.44 5.17 3.51
C ALA A 110 -12.79 6.45 4.25
N ASP A 111 -14.08 6.73 4.40
CA ASP A 111 -14.53 7.87 5.18
C ASP A 111 -14.81 7.53 6.63
N HIS A 112 -14.60 6.29 7.03
CA HIS A 112 -14.68 5.87 8.43
C HIS A 112 -13.33 5.37 8.87
N CYS A 113 -12.97 5.67 10.12
CA CYS A 113 -11.91 4.89 10.75
C CYS A 113 -12.45 3.50 11.06
N THR A 114 -11.54 2.55 11.19
CA THR A 114 -11.97 1.17 11.32
C THR A 114 -12.09 0.79 12.80
N GLN A 115 -12.54 -0.44 13.05
CA GLN A 115 -12.70 -0.95 14.39
C GLN A 115 -11.91 -2.25 14.54
N PRO A 116 -11.50 -2.60 15.76
CA PRO A 116 -10.78 -3.86 15.96
C PRO A 116 -11.63 -5.05 15.53
N GLY A 117 -10.95 -6.06 14.99
CA GLY A 117 -11.62 -7.22 14.45
C GLY A 117 -12.09 -7.08 13.03
N GLN A 118 -11.98 -5.89 12.44
CA GLN A 118 -12.38 -5.69 11.05
C GLN A 118 -11.46 -6.48 10.13
N LYS A 119 -12.06 -7.30 9.27
CA LYS A 119 -11.30 -8.12 8.33
C LYS A 119 -11.03 -7.33 7.05
N CYS A 120 -9.78 -7.36 6.60
CA CYS A 120 -9.35 -6.51 5.49
C CYS A 120 -8.57 -7.35 4.48
N THR A 121 -8.04 -6.67 3.46
CA THR A 121 -7.29 -7.32 2.39
C THR A 121 -6.03 -6.52 2.11
N VAL A 122 -4.91 -7.23 1.94
CA VAL A 122 -3.65 -6.66 1.50
C VAL A 122 -3.22 -7.37 0.21
N SER A 123 -2.59 -6.62 -0.69
CA SER A 123 -2.11 -7.16 -1.95
C SER A 123 -0.78 -6.52 -2.31
N GLY A 124 0.03 -7.25 -3.07
CA GLY A 124 1.32 -6.73 -3.49
C GLY A 124 2.16 -7.81 -4.14
N TRP A 125 3.26 -7.36 -4.74
CA TRP A 125 4.25 -8.24 -5.34
C TRP A 125 5.43 -8.52 -4.41
N GLY A 126 5.37 -8.04 -3.17
CA GLY A 126 6.45 -8.27 -2.22
C GLY A 126 6.63 -9.75 -1.91
N THR A 127 7.71 -10.03 -1.18
CA THR A 127 8.10 -11.41 -0.95
C THR A 127 6.98 -12.21 -0.28
N VAL A 128 6.83 -13.46 -0.72
CA VAL A 128 5.79 -14.34 -0.18
C VAL A 128 6.30 -15.16 0.99
N THR A 129 7.58 -15.05 1.34
CA THR A 129 8.20 -15.76 2.45
C THR A 129 9.04 -14.80 3.27
N SER A 130 9.51 -15.29 4.42
CA SER A 130 10.32 -14.51 5.34
C SER A 130 10.78 -15.43 6.47
N PRO A 131 12.05 -15.27 6.91
CA PRO A 131 13.09 -14.35 6.44
C PRO A 131 13.68 -14.64 5.06
N ARG A 132 13.50 -15.84 4.51
CA ARG A 132 14.13 -16.19 3.23
C ARG A 132 13.19 -15.74 2.11
N GLU A 133 13.62 -14.72 1.37
CA GLU A 133 12.72 -13.95 0.52
C GLU A 133 12.39 -14.69 -0.77
N ASN A 134 11.11 -14.65 -1.16
CA ASN A 134 10.66 -15.14 -2.46
C ASN A 134 9.73 -14.09 -3.06
N PHE A 135 10.18 -13.43 -4.13
CA PHE A 135 9.40 -12.37 -4.76
C PHE A 135 8.60 -12.97 -5.90
N PRO A 136 7.28 -13.08 -5.78
CA PRO A 136 6.50 -13.77 -6.81
C PRO A 136 6.29 -12.91 -8.04
N ASP A 137 6.01 -13.59 -9.16
CA ASP A 137 5.72 -12.91 -10.41
C ASP A 137 4.29 -12.39 -10.47
N THR A 138 3.37 -13.01 -9.74
CA THR A 138 1.96 -12.64 -9.75
C THR A 138 1.55 -12.00 -8.43
N LEU A 139 0.56 -11.12 -8.51
CA LEU A 139 0.07 -10.41 -7.34
C LEU A 139 -0.55 -11.36 -6.33
N ASN A 140 -0.21 -11.18 -5.06
CA ASN A 140 -0.70 -12.03 -3.98
C ASN A 140 -1.63 -11.25 -3.06
N CYS A 141 -2.66 -11.92 -2.58
CA CYS A 141 -3.68 -11.35 -1.71
C CYS A 141 -3.74 -12.12 -0.40
N ALA A 142 -4.08 -11.42 0.68
CA ALA A 142 -4.24 -12.05 1.98
C ALA A 142 -5.26 -11.27 2.79
N GLU A 143 -6.02 -11.98 3.61
CA GLU A 143 -7.01 -11.38 4.51
C GLU A 143 -6.35 -11.13 5.87
N VAL A 144 -6.57 -9.92 6.42
CA VAL A 144 -6.00 -9.57 7.71
C VAL A 144 -7.07 -8.93 8.59
N LYS A 145 -6.75 -8.80 9.88
CA LYS A 145 -7.66 -8.28 10.87
C LYS A 145 -7.09 -7.02 11.51
N ILE A 146 -7.94 -6.02 11.70
CA ILE A 146 -7.51 -4.77 12.32
C ILE A 146 -7.22 -5.02 13.80
N PHE A 147 -6.02 -4.67 14.24
CA PHE A 147 -5.64 -4.77 15.63
C PHE A 147 -6.06 -3.52 16.40
N PRO A 148 -6.43 -3.66 17.67
CA PRO A 148 -6.64 -2.46 18.50
C PRO A 148 -5.33 -1.70 18.66
N GLN A 149 -5.44 -0.39 18.87
CA GLN A 149 -4.25 0.45 18.92
C GLN A 149 -3.35 0.07 20.09
N LYS A 150 -3.93 -0.26 21.25
CA LYS A 150 -3.09 -0.52 22.41
C LYS A 150 -2.34 -1.82 22.27
N LYS A 151 -2.92 -2.82 21.61
CA LYS A 151 -2.14 -3.99 21.21
C LYS A 151 -1.07 -3.61 20.19
N CYS A 152 -1.42 -2.71 19.28
CA CYS A 152 -0.45 -2.19 18.31
C CYS A 152 0.68 -1.47 19.01
N GLU A 153 0.35 -0.57 19.94
CA GLU A 153 1.37 0.17 20.67
C GLU A 153 2.28 -0.77 21.45
N ASP A 154 1.68 -1.68 22.22
CA ASP A 154 2.48 -2.63 22.98
C ASP A 154 3.34 -3.51 22.08
N ALA A 155 2.89 -3.79 20.86
CA ALA A 155 3.68 -4.59 19.93
C ALA A 155 4.95 -3.84 19.51
N TYR A 156 4.83 -2.54 19.25
CA TYR A 156 5.97 -1.69 18.88
C TYR A 156 5.98 -0.49 19.83
N PRO A 157 6.52 -0.66 21.03
CA PRO A 157 6.43 0.40 22.05
C PRO A 157 7.12 1.69 21.61
N GLY A 158 6.38 2.80 21.73
CA GLY A 158 6.88 4.11 21.38
C GLY A 158 6.93 4.43 19.89
N GLN A 159 6.71 3.44 19.02
CA GLN A 159 6.84 3.65 17.59
C GLN A 159 5.50 3.85 16.88
N ILE A 160 4.39 3.79 17.59
CA ILE A 160 3.06 3.84 16.99
C ILE A 160 2.43 5.20 17.29
N THR A 161 1.86 5.83 16.27
CA THR A 161 1.09 7.07 16.39
C THR A 161 -0.34 6.84 15.95
N ASP A 162 -1.16 7.88 16.05
CA ASP A 162 -2.55 7.78 15.63
C ASP A 162 -2.70 7.80 14.11
N GLY A 163 -1.67 8.17 13.37
CA GLY A 163 -1.66 8.06 11.94
C GLY A 163 -1.37 6.68 11.40
N MET A 164 -1.18 5.71 12.29
CA MET A 164 -0.89 4.33 11.93
C MET A 164 -2.03 3.43 12.38
N VAL A 165 -2.14 2.29 11.72
CA VAL A 165 -3.11 1.26 12.06
C VAL A 165 -2.45 -0.09 11.93
N CYS A 166 -2.71 -0.97 12.89
CA CYS A 166 -2.12 -2.30 12.90
C CYS A 166 -3.11 -3.32 12.34
N ALA A 167 -2.60 -4.20 11.51
CA ALA A 167 -3.40 -5.29 10.95
C ALA A 167 -2.54 -6.54 10.90
N GLY A 168 -3.08 -7.65 11.38
CA GLY A 168 -2.30 -8.86 11.46
C GLY A 168 -3.19 -10.08 11.32
N SER A 169 -2.54 -11.25 11.32
CA SER A 169 -3.22 -12.51 11.13
C SER A 169 -2.62 -13.55 12.04
N SER A 170 -3.49 -14.39 12.63
CA SER A 170 -2.99 -15.53 13.39
C SER A 170 -2.31 -16.54 12.48
N LYS A 171 -2.86 -16.76 11.28
CA LYS A 171 -2.31 -17.78 10.40
C LYS A 171 -1.12 -17.28 9.58
N GLY A 172 -0.64 -16.06 9.83
CA GLY A 172 0.61 -15.60 9.26
C GLY A 172 0.49 -14.66 8.09
N ALA A 173 -0.71 -14.27 7.70
CA ALA A 173 -0.86 -13.34 6.58
C ALA A 173 -0.36 -11.96 6.99
N ASP A 174 0.63 -11.44 6.27
CA ASP A 174 1.24 -10.16 6.59
C ASP A 174 1.85 -9.58 5.33
N THR A 175 1.87 -8.25 5.24
CA THR A 175 2.66 -7.59 4.20
C THR A 175 4.14 -7.67 4.56
N CYS A 176 4.99 -7.56 3.54
CA CYS A 176 6.42 -7.73 3.73
C CYS A 176 7.15 -6.78 2.77
N GLN A 177 8.47 -6.95 2.69
CA GLN A 177 9.28 -6.10 1.83
C GLN A 177 8.83 -6.23 0.38
N GLY A 178 8.70 -5.08 -0.29
CA GLY A 178 8.18 -5.03 -1.64
C GLY A 178 6.70 -4.75 -1.74
N ASP A 179 5.96 -4.88 -0.65
CA ASP A 179 4.55 -4.52 -0.60
C ASP A 179 4.32 -3.09 -0.15
N SER A 180 5.37 -2.40 0.30
CA SER A 180 5.24 -1.05 0.86
C SER A 180 4.59 -0.12 -0.14
N GLY A 181 3.65 0.70 0.35
CA GLY A 181 2.88 1.58 -0.49
C GLY A 181 1.62 0.97 -1.06
N GLY A 182 1.40 -0.33 -0.89
CA GLY A 182 0.25 -1.01 -1.44
C GLY A 182 -0.99 -0.81 -0.59
N PRO A 183 -2.10 -1.36 -1.07
CA PRO A 183 -3.38 -1.12 -0.41
C PRO A 183 -3.62 -1.97 0.82
N LEU A 184 -4.40 -1.40 1.73
CA LEU A 184 -5.10 -2.12 2.78
C LEU A 184 -6.58 -1.80 2.59
N VAL A 185 -7.38 -2.79 2.22
CA VAL A 185 -8.76 -2.58 1.84
C VAL A 185 -9.65 -3.23 2.90
N CYS A 186 -10.57 -2.45 3.46
CA CYS A 186 -11.57 -2.94 4.40
C CYS A 186 -12.93 -2.49 3.93
N ASP A 187 -13.83 -3.44 3.68
CA ASP A 187 -15.17 -3.15 3.18
C ASP A 187 -15.12 -2.34 1.89
N GLY A 188 -14.24 -2.75 0.97
CA GLY A 188 -14.20 -2.12 -0.35
C GLY A 188 -13.73 -0.69 -0.37
N ALA A 189 -13.09 -0.22 0.69
CA ALA A 189 -12.54 1.12 0.74
C ALA A 189 -11.07 1.06 1.11
N LEU A 190 -10.35 2.15 0.87
CA LEU A 190 -8.92 2.12 1.13
C LEU A 190 -8.72 2.58 2.57
N GLN A 191 -8.45 1.62 3.45
CA GLN A 191 -8.26 1.90 4.86
C GLN A 191 -6.82 2.29 5.21
N GLY A 192 -5.85 1.79 4.45
CA GLY A 192 -4.47 2.05 4.82
C GLY A 192 -3.53 1.85 3.66
N ILE A 193 -2.27 2.20 3.91
CA ILE A 193 -1.17 2.06 2.98
C ILE A 193 -0.05 1.33 3.71
N THR A 194 0.46 0.26 3.08
CA THR A 194 1.50 -0.55 3.71
C THR A 194 2.72 0.32 4.00
N SER A 195 3.12 0.36 5.28
CA SER A 195 4.18 1.26 5.72
C SER A 195 5.40 0.49 6.19
N TRP A 196 5.29 -0.23 7.31
CA TRP A 196 6.42 -0.97 7.86
C TRP A 196 5.91 -2.12 8.71
N GLY A 197 6.83 -2.85 9.32
CA GLY A 197 6.49 -4.02 10.08
C GLY A 197 7.70 -4.59 10.79
N SER A 198 7.60 -5.84 11.22
CA SER A 198 8.67 -6.47 11.98
C SER A 198 9.47 -7.43 11.11
N ASP A 199 10.55 -7.94 11.70
CA ASP A 199 11.39 -8.98 11.10
C ASP A 199 11.43 -10.21 11.99
N PRO A 200 10.95 -11.36 11.48
CA PRO A 200 10.48 -11.54 10.11
C PRO A 200 9.03 -11.12 9.93
N CYS A 201 8.52 -11.21 8.70
CA CYS A 201 7.12 -10.95 8.46
C CYS A 201 6.28 -12.15 8.92
N GLY A 202 5.00 -11.89 9.15
CA GLY A 202 4.08 -12.95 9.50
C GLY A 202 4.25 -13.50 10.90
N ARG A 203 4.66 -12.67 11.85
CA ARG A 203 4.76 -13.07 13.25
C ARG A 203 3.42 -12.90 13.93
N SER A 204 2.99 -13.94 14.66
CA SER A 204 1.72 -13.86 15.37
C SER A 204 1.70 -12.72 16.37
N ASP A 205 2.84 -12.44 17.00
CA ASP A 205 2.91 -11.39 18.02
C ASP A 205 3.11 -10.00 17.43
N LYS A 206 3.58 -9.89 16.20
CA LYS A 206 3.84 -8.59 15.59
C LYS A 206 2.96 -8.36 14.37
N PRO A 207 1.94 -7.50 14.44
CA PRO A 207 1.14 -7.19 13.25
C PRO A 207 1.84 -6.23 12.31
N GLY A 208 1.36 -6.20 11.07
CA GLY A 208 1.80 -5.19 10.14
C GLY A 208 1.27 -3.81 10.52
N VAL A 209 2.03 -2.78 10.17
CA VAL A 209 1.69 -1.40 10.49
C VAL A 209 1.41 -0.67 9.19
N TYR A 210 0.24 -0.03 9.12
CA TYR A 210 -0.23 0.65 7.92
C TYR A 210 -0.59 2.08 8.26
N THR A 211 -0.29 3.00 7.33
CA THR A 211 -0.69 4.38 7.52
C THR A 211 -2.20 4.49 7.57
N ASN A 212 -2.72 5.10 8.63
CA ASN A 212 -4.16 5.13 8.86
C ASN A 212 -4.76 6.21 7.96
N ILE A 213 -5.56 5.79 6.98
CA ILE A 213 -5.97 6.70 5.91
C ILE A 213 -7.10 7.61 6.37
N CYS A 214 -7.98 7.13 7.26
CA CYS A 214 -9.07 7.96 7.75
C CYS A 214 -8.56 9.24 8.40
N ARG A 215 -7.32 9.25 8.89
CA ARG A 215 -6.74 10.44 9.51
C ARG A 215 -6.23 11.46 8.50
N TYR A 216 -5.89 11.04 7.28
CA TYR A 216 -5.30 11.88 6.25
C TYR A 216 -6.29 12.34 5.18
N LEU A 217 -7.59 12.10 5.38
CA LEU A 217 -8.58 12.39 4.35
C LEU A 217 -8.47 13.81 3.82
N ASP A 218 -8.44 14.80 4.71
CA ASP A 218 -8.46 16.19 4.26
C ASP A 218 -7.20 16.57 3.49
N TRP A 219 -6.07 15.93 3.79
CA TRP A 219 -4.84 16.25 3.07
C TRP A 219 -4.82 15.62 1.69
N ILE A 220 -5.20 14.34 1.59
CA ILE A 220 -5.28 13.68 0.29
C ILE A 220 -6.29 14.40 -0.59
N LYS A 221 -7.51 14.58 -0.09
CA LYS A 221 -8.58 15.19 -0.88
C LYS A 221 -8.18 16.57 -1.38
N LYS A 222 -7.47 17.35 -0.56
CA LYS A 222 -7.06 18.68 -0.98
C LYS A 222 -6.14 18.62 -2.19
N ILE A 223 -5.13 17.73 -2.13
CA ILE A 223 -4.15 17.63 -3.20
C ILE A 223 -4.80 17.07 -4.46
N ILE A 224 -5.52 15.95 -4.33
CA ILE A 224 -6.13 15.34 -5.50
C ILE A 224 -7.38 16.09 -5.95
N GLY A 225 -7.94 16.94 -5.10
CA GLY A 225 -9.05 17.79 -5.47
C GLY A 225 -8.64 19.13 -6.06
N SER A 226 -7.35 19.34 -6.30
CA SER A 226 -6.86 20.55 -6.92
C SER A 226 -7.07 20.50 -8.44
N LYS A 227 -6.58 21.54 -9.12
CA LYS A 227 -6.67 21.61 -10.57
C LYS A 227 -5.65 20.69 -11.24
N GLY A 228 -4.75 20.08 -10.47
CA GLY A 228 -3.84 19.07 -10.98
C GLY A 228 -4.48 17.70 -10.99
#